data_8QPS
#
_entry.id   8QPS
#
_cell.length_a   57.230
_cell.length_b   57.230
_cell.length_c   97.030
_cell.angle_alpha   90.000
_cell.angle_beta   90.000
_cell.angle_gamma   120.000
#
_symmetry.space_group_name_H-M   'P 31'
#
loop_
_entity.id
_entity.type
_entity.pdbx_description
1 polymer 'Deoxyribose-phosphate aldolase'
2 water water
#
_entity_poly.entity_id   1
_entity_poly.type   'polypeptide(L)'
_entity_poly.pdbx_seq_one_letter_code
;MAHHHHHHTMNIAKMIDHTLLKPEATEQQIVQLCTEAKQYGFAAVCVNPTWVKTAARELSGTDVRVCTVIGFPLGATTPE
TKAFETTNAIENGAREVDMVINIGALKSGQDELVERDIRAVVEAAAGRALVKVIVETALLTDEEKVRACQLAVKAGADYV
KTSTGFSGGGATVEDVALMRKTVGDRAGVKASGGVRDWKTAEAMINAGATRIGTSSGVAIVTGGTGRADY
;
_entity_poly.pdbx_strand_id   A,B
#
# COMPACT_ATOMS: atom_id res chain seq x y z
N ASN A 11 -8.25 -26.45 -17.79
CA ASN A 11 -6.86 -26.31 -17.34
C ASN A 11 -6.52 -24.85 -17.05
N ILE A 12 -7.47 -23.95 -17.35
CA ILE A 12 -7.26 -22.53 -17.06
C ILE A 12 -7.20 -22.27 -15.56
N ALA A 13 -7.73 -23.20 -14.74
CA ALA A 13 -7.68 -23.06 -13.29
C ALA A 13 -6.25 -22.93 -12.80
N LYS A 14 -5.33 -23.64 -13.42
CA LYS A 14 -3.92 -23.59 -13.08
C LYS A 14 -3.24 -22.31 -13.57
N MET A 15 -3.96 -21.42 -14.23
CA MET A 15 -3.46 -20.10 -14.58
C MET A 15 -4.03 -19.01 -13.72
N ILE A 16 -4.90 -19.34 -12.77
CA ILE A 16 -5.65 -18.36 -12.01
C ILE A 16 -5.01 -18.19 -10.63
N ASP A 17 -4.67 -16.93 -10.29
CA ASP A 17 -4.33 -16.51 -8.94
C ASP A 17 -5.62 -15.91 -8.37
N HIS A 18 -6.26 -16.69 -7.49
CA HIS A 18 -7.54 -16.34 -6.86
C HIS A 18 -7.28 -15.31 -5.75
N THR A 19 -7.74 -14.07 -5.96
CA THR A 19 -7.19 -12.90 -5.28
C THR A 19 -8.21 -12.23 -4.37
N LEU A 20 -7.79 -11.91 -3.14
CA LEU A 20 -8.56 -11.02 -2.28
C LEU A 20 -7.57 -10.10 -1.57
N LEU A 21 -7.63 -8.78 -1.87
CA LEU A 21 -6.66 -7.83 -1.36
C LEU A 21 -7.27 -6.57 -0.77
N LYS A 22 -8.59 -6.46 -0.69
CA LYS A 22 -9.22 -5.30 -0.08
C LYS A 22 -8.75 -5.17 1.36
N PRO A 23 -8.50 -3.93 1.83
CA PRO A 23 -7.96 -3.73 3.19
C PRO A 23 -8.87 -4.21 4.31
N GLU A 24 -10.19 -4.24 4.08
CA GLU A 24 -11.16 -4.66 5.09
C GLU A 24 -11.41 -6.15 5.06
N ALA A 25 -10.67 -6.91 4.28
CA ALA A 25 -10.92 -8.35 4.19
C ALA A 25 -10.71 -8.98 5.55
N THR A 26 -11.58 -9.93 5.90
CA THR A 26 -11.53 -10.58 7.20
C THR A 26 -11.08 -12.02 7.06
N GLU A 27 -10.72 -12.62 8.19
CA GLU A 27 -10.21 -13.98 8.11
C GLU A 27 -11.25 -14.92 7.51
N GLN A 28 -12.54 -14.71 7.84
CA GLN A 28 -13.60 -15.54 7.25
C GLN A 28 -13.57 -15.49 5.73
N GLN A 29 -13.37 -14.30 5.17
CA GLN A 29 -13.31 -14.16 3.73
C GLN A 29 -12.08 -14.82 3.15
N ILE A 30 -10.94 -14.72 3.85
CA ILE A 30 -9.73 -15.37 3.37
C ILE A 30 -9.90 -16.89 3.37
N VAL A 31 -10.48 -17.43 4.43
CA VAL A 31 -10.71 -18.87 4.51
C VAL A 31 -11.64 -19.33 3.41
N GLN A 32 -12.72 -18.60 3.13
CA GLN A 32 -13.58 -18.97 2.01
C GLN A 32 -12.84 -18.90 0.66
N LEU A 33 -11.98 -17.88 0.49
CA LEU A 33 -11.12 -17.81 -0.69
C LEU A 33 -10.30 -19.09 -0.88
N CYS A 34 -9.67 -19.56 0.21
CA CYS A 34 -8.87 -20.77 0.15
C CYS A 34 -9.72 -21.99 -0.12
N THR A 35 -10.91 -22.04 0.46
CA THR A 35 -11.81 -23.16 0.21
C THR A 35 -12.16 -23.24 -1.27
N GLU A 36 -12.46 -22.10 -1.88
CA GLU A 36 -12.76 -22.08 -3.31
C GLU A 36 -11.56 -22.52 -4.13
N ALA A 37 -10.36 -22.03 -3.77
CA ALA A 37 -9.16 -22.44 -4.49
C ALA A 37 -8.97 -23.95 -4.44
N LYS A 38 -9.21 -24.57 -3.29
CA LYS A 38 -9.12 -26.03 -3.21
C LYS A 38 -10.21 -26.71 -4.01
N GLN A 39 -11.42 -26.16 -4.01
CA GLN A 39 -12.51 -26.80 -4.75
C GLN A 39 -12.24 -26.78 -6.25
N TYR A 40 -11.65 -25.71 -6.76
CA TYR A 40 -11.51 -25.52 -8.19
C TYR A 40 -10.08 -25.74 -8.68
N GLY A 41 -9.14 -26.00 -7.79
CA GLY A 41 -7.78 -26.30 -8.20
C GLY A 41 -7.08 -25.11 -8.80
N PHE A 42 -7.32 -23.92 -8.24
CA PHE A 42 -6.61 -22.74 -8.72
C PHE A 42 -5.12 -22.87 -8.44
N ALA A 43 -4.32 -22.18 -9.27
CA ALA A 43 -2.87 -22.23 -9.13
C ALA A 43 -2.43 -21.69 -7.78
N ALA A 44 -3.07 -20.61 -7.32
CA ALA A 44 -2.65 -19.92 -6.11
C ALA A 44 -3.81 -19.09 -5.58
N VAL A 45 -3.75 -18.78 -4.27
CA VAL A 45 -4.50 -17.65 -3.73
C VAL A 45 -3.51 -16.51 -3.65
N CYS A 46 -4.02 -15.29 -3.78
CA CYS A 46 -3.19 -14.09 -3.65
C CYS A 46 -3.83 -13.22 -2.58
N VAL A 47 -3.11 -13.00 -1.47
CA VAL A 47 -3.62 -12.31 -0.30
C VAL A 47 -2.54 -11.35 0.21
N ASN A 48 -2.93 -10.43 1.09
CA ASN A 48 -1.94 -9.51 1.66
C ASN A 48 -1.07 -10.25 2.66
N PRO A 49 0.11 -9.71 3.00
CA PRO A 49 1.04 -10.50 3.82
C PRO A 49 0.47 -10.92 5.19
N THR A 50 -0.48 -10.15 5.74
CA THR A 50 -1.01 -10.47 7.07
C THR A 50 -1.71 -11.82 7.08
N TRP A 51 -2.19 -12.27 5.92
CA TRP A 51 -2.95 -13.50 5.84
C TRP A 51 -2.13 -14.69 5.33
N VAL A 52 -0.84 -14.51 5.04
CA VAL A 52 -0.07 -15.61 4.46
C VAL A 52 -0.15 -16.86 5.33
N LYS A 53 0.17 -16.73 6.62
CA LYS A 53 0.17 -17.90 7.50
C LYS A 53 -1.19 -18.57 7.46
N THR A 54 -2.25 -17.76 7.57
CA THR A 54 -3.61 -18.28 7.56
C THR A 54 -3.86 -19.08 6.29
N ALA A 55 -3.52 -18.49 5.15
CA ALA A 55 -3.78 -19.17 3.88
C ALA A 55 -2.95 -20.42 3.76
N ALA A 56 -1.70 -20.38 4.24
CA ALA A 56 -0.89 -21.58 4.19
C ALA A 56 -1.52 -22.68 5.02
N ARG A 57 -2.07 -22.32 6.19
CA ARG A 57 -2.72 -23.33 7.02
C ARG A 57 -3.90 -23.96 6.29
N GLU A 58 -4.68 -23.14 5.55
CA GLU A 58 -5.83 -23.70 4.87
C GLU A 58 -5.44 -24.50 3.64
N LEU A 59 -4.25 -24.27 3.09
CA LEU A 59 -3.89 -24.90 1.83
C LEU A 59 -2.85 -25.98 2.00
N SER A 60 -2.45 -26.29 3.24
CA SER A 60 -1.44 -27.31 3.46
C SER A 60 -1.87 -28.64 2.87
N GLY A 61 -0.90 -29.39 2.37
CA GLY A 61 -1.24 -30.67 1.78
C GLY A 61 -2.05 -30.58 0.50
N THR A 62 -2.21 -29.40 -0.08
CA THR A 62 -2.78 -29.28 -1.41
C THR A 62 -1.73 -28.72 -2.36
N ASP A 63 -2.09 -28.67 -3.64
CA ASP A 63 -1.24 -28.10 -4.67
C ASP A 63 -1.51 -26.61 -4.92
N VAL A 64 -2.37 -25.99 -4.10
CA VAL A 64 -2.65 -24.55 -4.21
C VAL A 64 -1.57 -23.78 -3.46
N ARG A 65 -0.89 -22.88 -4.16
CA ARG A 65 0.22 -22.12 -3.58
C ARG A 65 -0.28 -20.81 -2.97
N VAL A 66 0.43 -20.34 -1.94
CA VAL A 66 0.16 -19.05 -1.31
C VAL A 66 1.05 -17.98 -1.97
N CYS A 67 0.39 -17.00 -2.59
CA CYS A 67 1.04 -15.85 -3.18
C CYS A 67 0.66 -14.61 -2.38
N THR A 68 1.62 -13.72 -2.17
CA THR A 68 1.30 -12.46 -1.51
C THR A 68 1.88 -11.31 -2.31
N VAL A 69 1.68 -10.10 -1.82
CA VAL A 69 2.07 -8.90 -2.54
C VAL A 69 3.05 -8.12 -1.67
N ILE A 70 3.99 -7.43 -2.33
CA ILE A 70 5.15 -6.83 -1.68
C ILE A 70 5.23 -5.36 -2.05
N GLY A 71 5.33 -4.49 -1.05
CA GLY A 71 5.36 -3.05 -1.34
C GLY A 71 4.10 -2.56 -2.02
N PHE A 72 2.96 -3.16 -1.69
CA PHE A 72 1.72 -3.10 -2.47
C PHE A 72 0.69 -2.22 -1.79
N PRO A 73 -0.05 -1.38 -2.54
CA PRO A 73 -0.01 -1.24 -4.00
C PRO A 73 0.84 -0.11 -4.57
N LEU A 74 1.42 0.71 -3.72
CA LEU A 74 2.06 1.93 -4.20
C LEU A 74 3.50 1.73 -4.66
N GLY A 75 4.19 0.69 -4.20
CA GLY A 75 5.56 0.45 -4.63
C GLY A 75 6.58 1.45 -4.14
N ALA A 76 6.18 2.32 -3.21
CA ALA A 76 6.98 3.48 -2.84
C ALA A 76 7.71 3.28 -1.52
N THR A 77 7.98 2.04 -1.15
CA THR A 77 8.79 1.79 0.04
C THR A 77 10.22 1.48 -0.40
N THR A 78 11.13 1.31 0.59
CA THR A 78 12.53 1.15 0.27
C THR A 78 12.84 -0.27 -0.15
N PRO A 79 13.91 -0.49 -0.91
CA PRO A 79 14.26 -1.86 -1.27
C PRO A 79 14.51 -2.73 -0.07
N GLU A 80 15.06 -2.15 1.00
CA GLU A 80 15.31 -2.93 2.21
C GLU A 80 14.02 -3.41 2.83
N THR A 81 12.99 -2.56 2.86
CA THR A 81 11.71 -3.00 3.39
C THR A 81 11.07 -4.06 2.51
N LYS A 82 11.09 -3.87 1.18
CA LYS A 82 10.53 -4.90 0.31
C LYS A 82 11.23 -6.24 0.50
N ALA A 83 12.56 -6.24 0.60
CA ALA A 83 13.32 -7.45 0.88
C ALA A 83 12.92 -8.09 2.21
N PHE A 84 12.83 -7.30 3.28
CA PHE A 84 12.39 -7.86 4.55
C PHE A 84 11.00 -8.48 4.43
N GLU A 85 10.07 -7.75 3.80
CA GLU A 85 8.69 -8.26 3.67
C GLU A 85 8.68 -9.55 2.87
N THR A 86 9.58 -9.68 1.90
CA THR A 86 9.67 -10.91 1.10
C THR A 86 10.18 -12.08 1.93
N THR A 87 11.25 -11.85 2.69
CA THR A 87 11.77 -12.92 3.54
C THR A 87 10.73 -13.36 4.57
N ASN A 88 10.12 -12.38 5.24
CA ASN A 88 9.08 -12.61 6.21
C ASN A 88 7.95 -13.43 5.61
N ALA A 89 7.48 -13.04 4.43
CA ALA A 89 6.38 -13.75 3.79
C ALA A 89 6.75 -15.20 3.51
N ILE A 90 7.97 -15.43 3.01
CA ILE A 90 8.37 -16.79 2.71
C ILE A 90 8.42 -17.63 3.99
N GLU A 91 8.97 -17.05 5.05
CA GLU A 91 8.97 -17.74 6.33
C GLU A 91 7.55 -18.06 6.80
N ASN A 92 6.59 -17.19 6.48
CA ASN A 92 5.20 -17.40 6.89
C ASN A 92 4.45 -18.36 5.99
N GLY A 93 5.05 -18.81 4.90
CA GLY A 93 4.40 -19.80 4.05
C GLY A 93 4.23 -19.44 2.59
N ALA A 94 4.57 -18.22 2.18
CA ALA A 94 4.35 -17.84 0.79
C ALA A 94 5.37 -18.49 -0.13
N ARG A 95 4.90 -18.89 -1.31
CA ARG A 95 5.78 -19.45 -2.33
C ARG A 95 5.73 -18.69 -3.64
N GLU A 96 4.92 -17.63 -3.74
CA GLU A 96 5.08 -16.64 -4.81
C GLU A 96 4.87 -15.26 -4.20
N VAL A 97 5.58 -14.27 -4.73
CA VAL A 97 5.38 -12.88 -4.32
C VAL A 97 5.20 -12.03 -5.57
N ASP A 98 4.25 -11.09 -5.50
CA ASP A 98 4.02 -10.09 -6.54
C ASP A 98 4.40 -8.74 -5.95
N MET A 99 5.54 -8.21 -6.37
N MET A 99 5.54 -8.19 -6.38
CA MET A 99 5.96 -6.90 -5.87
CA MET A 99 6.01 -6.91 -5.90
C MET A 99 5.53 -5.80 -6.84
C MET A 99 5.57 -5.79 -6.85
N VAL A 100 5.38 -4.59 -6.29
CA VAL A 100 5.12 -3.40 -7.09
C VAL A 100 6.44 -2.69 -7.31
N ILE A 101 6.71 -2.35 -8.57
CA ILE A 101 7.91 -1.59 -8.92
C ILE A 101 7.87 -0.21 -8.26
N ASN A 102 9.07 0.37 -8.07
CA ASN A 102 9.18 1.76 -7.64
C ASN A 102 8.85 2.68 -8.80
N ILE A 103 7.56 3.00 -8.91
CA ILE A 103 7.06 3.76 -10.04
C ILE A 103 7.69 5.14 -10.08
N GLY A 104 7.80 5.79 -8.92
CA GLY A 104 8.35 7.14 -8.91
C GLY A 104 9.79 7.16 -9.36
N ALA A 105 10.57 6.17 -8.92
CA ALA A 105 11.95 6.04 -9.41
C ALA A 105 11.96 5.87 -10.92
N LEU A 106 11.10 5.00 -11.45
CA LEU A 106 11.04 4.82 -12.91
C LEU A 106 10.64 6.12 -13.60
N LYS A 107 9.72 6.88 -13.03
CA LYS A 107 9.36 8.17 -13.60
C LYS A 107 10.49 9.17 -13.47
N SER A 108 11.26 9.10 -12.38
CA SER A 108 12.36 10.02 -12.13
C SER A 108 13.61 9.69 -12.94
N GLY A 109 13.58 8.63 -13.76
CA GLY A 109 14.73 8.20 -14.50
C GLY A 109 15.75 7.39 -13.74
N GLN A 110 15.46 7.03 -12.48
CA GLN A 110 16.41 6.33 -11.63
C GLN A 110 16.30 4.82 -11.86
N ASP A 111 16.69 4.40 -13.08
CA ASP A 111 16.60 3.00 -13.46
C ASP A 111 17.47 2.11 -12.60
N GLU A 112 18.61 2.65 -12.15
CA GLU A 112 19.47 1.89 -11.25
C GLU A 112 18.71 1.50 -9.99
N LEU A 113 17.96 2.44 -9.43
CA LEU A 113 17.17 2.14 -8.23
C LEU A 113 16.03 1.18 -8.56
N VAL A 114 15.40 1.34 -9.73
CA VAL A 114 14.31 0.42 -10.08
C VAL A 114 14.83 -1.00 -10.09
N GLU A 115 15.98 -1.19 -10.73
CA GLU A 115 16.57 -2.52 -10.85
C GLU A 115 17.05 -3.05 -9.51
N ARG A 116 17.69 -2.18 -8.71
CA ARG A 116 18.16 -2.58 -7.39
C ARG A 116 16.99 -2.97 -6.48
N ASP A 117 15.84 -2.30 -6.64
CA ASP A 117 14.66 -2.58 -5.84
C ASP A 117 14.08 -3.95 -6.19
N ILE A 118 13.96 -4.23 -7.50
CA ILE A 118 13.53 -5.56 -7.93
C ILE A 118 14.52 -6.62 -7.45
N ARG A 119 15.81 -6.33 -7.59
CA ARG A 119 16.83 -7.29 -7.20
C ARG A 119 16.80 -7.55 -5.70
N ALA A 120 16.47 -6.54 -4.89
CA ALA A 120 16.38 -6.76 -3.46
C ALA A 120 15.32 -7.81 -3.15
N VAL A 121 14.17 -7.71 -3.83
CA VAL A 121 13.14 -8.74 -3.61
C VAL A 121 13.61 -10.11 -4.10
N VAL A 122 14.26 -10.16 -5.27
CA VAL A 122 14.63 -11.45 -5.85
C VAL A 122 15.70 -12.13 -4.99
N GLU A 123 16.68 -11.36 -4.52
CA GLU A 123 17.73 -11.91 -3.69
C GLU A 123 17.20 -12.35 -2.34
N ALA A 124 16.22 -11.60 -1.80
CA ALA A 124 15.57 -12.03 -0.56
C ALA A 124 14.87 -13.37 -0.76
N ALA A 125 14.17 -13.53 -1.89
CA ALA A 125 13.52 -14.82 -2.15
C ALA A 125 14.55 -15.94 -2.31
N ALA A 126 15.68 -15.66 -2.96
CA ALA A 126 16.76 -16.64 -3.15
C ALA A 126 16.23 -17.94 -3.73
N GLY A 127 15.29 -17.82 -4.68
CA GLY A 127 14.73 -18.97 -5.38
C GLY A 127 13.61 -19.70 -4.67
N ARG A 128 13.31 -19.36 -3.41
CA ARG A 128 12.29 -20.03 -2.62
C ARG A 128 10.88 -19.64 -2.99
N ALA A 129 10.72 -18.57 -3.76
CA ALA A 129 9.42 -18.06 -4.16
C ALA A 129 9.54 -17.51 -5.56
N LEU A 130 8.51 -17.76 -6.37
CA LEU A 130 8.41 -17.10 -7.66
C LEU A 130 8.17 -15.61 -7.43
N VAL A 131 8.82 -14.77 -8.25
CA VAL A 131 8.73 -13.31 -8.11
C VAL A 131 8.09 -12.72 -9.36
N LYS A 132 6.95 -12.05 -9.17
CA LYS A 132 6.28 -11.30 -10.23
C LYS A 132 6.44 -9.81 -9.95
N VAL A 133 6.61 -9.02 -11.01
CA VAL A 133 6.87 -7.57 -10.90
C VAL A 133 5.69 -6.84 -11.53
N ILE A 134 4.91 -6.14 -10.70
CA ILE A 134 3.78 -5.36 -11.18
C ILE A 134 4.30 -4.02 -11.70
N VAL A 135 4.06 -3.75 -12.98
CA VAL A 135 4.60 -2.51 -13.55
C VAL A 135 3.61 -1.35 -13.39
N GLU A 136 2.33 -1.64 -13.16
CA GLU A 136 1.25 -0.65 -13.05
C GLU A 136 1.07 0.13 -14.35
N THR A 137 0.61 -0.61 -15.36
CA THR A 137 0.49 -0.10 -16.71
C THR A 137 -0.28 1.22 -16.77
N ALA A 138 -1.28 1.41 -15.89
CA ALA A 138 -2.14 2.59 -15.99
C ALA A 138 -1.35 3.89 -15.83
N LEU A 139 -0.19 3.84 -15.16
CA LEU A 139 0.60 5.03 -14.85
C LEU A 139 1.80 5.22 -15.78
N LEU A 140 2.03 4.28 -16.68
CA LEU A 140 3.23 4.30 -17.50
C LEU A 140 2.89 4.63 -18.95
N THR A 141 3.85 5.24 -19.63
CA THR A 141 3.83 5.23 -21.09
C THR A 141 4.23 3.84 -21.60
N ASP A 142 4.03 3.61 -22.91
CA ASP A 142 4.48 2.35 -23.50
C ASP A 142 5.98 2.17 -23.37
N GLU A 143 6.75 3.24 -23.54
CA GLU A 143 8.20 3.15 -23.34
C GLU A 143 8.55 2.73 -21.93
N GLU A 144 7.83 3.29 -20.95
CA GLU A 144 8.08 2.94 -19.56
C GLU A 144 7.67 1.50 -19.25
N LYS A 145 6.58 1.02 -19.84
CA LYS A 145 6.21 -0.38 -19.68
C LYS A 145 7.32 -1.30 -20.19
N VAL A 146 7.84 -1.00 -21.38
CA VAL A 146 8.92 -1.79 -21.96
C VAL A 146 10.15 -1.77 -21.05
N ARG A 147 10.58 -0.58 -20.63
CA ARG A 147 11.76 -0.46 -19.79
C ARG A 147 11.58 -1.17 -18.45
N ALA A 148 10.38 -1.08 -17.87
CA ALA A 148 10.12 -1.77 -16.61
C ALA A 148 10.28 -3.28 -16.78
N CYS A 149 9.74 -3.81 -17.88
CA CYS A 149 9.87 -5.24 -18.12
C CYS A 149 11.34 -5.63 -18.30
N GLN A 150 12.10 -4.82 -19.02
CA GLN A 150 13.50 -5.17 -19.25
C GLN A 150 14.28 -5.16 -17.95
N LEU A 151 14.03 -4.15 -17.11
CA LEU A 151 14.68 -4.09 -15.80
C LEU A 151 14.26 -5.28 -14.93
N ALA A 152 13.00 -5.68 -15.00
CA ALA A 152 12.53 -6.83 -14.22
C ALA A 152 13.28 -8.09 -14.61
N VAL A 153 13.44 -8.32 -15.92
CA VAL A 153 14.15 -9.51 -16.37
C VAL A 153 15.61 -9.43 -15.98
N LYS A 154 16.18 -8.22 -16.04
CA LYS A 154 17.58 -8.05 -15.72
C LYS A 154 17.87 -8.34 -14.25
N ALA A 155 16.89 -8.10 -13.37
CA ALA A 155 17.07 -8.33 -11.95
C ALA A 155 16.64 -9.73 -11.53
N GLY A 156 16.35 -10.60 -12.49
CA GLY A 156 16.10 -11.98 -12.18
C GLY A 156 14.69 -12.30 -11.76
N ALA A 157 13.73 -11.43 -12.08
CA ALA A 157 12.34 -11.72 -11.78
C ALA A 157 11.81 -12.79 -12.73
N ASP A 158 10.72 -13.42 -12.30
CA ASP A 158 10.13 -14.56 -12.99
C ASP A 158 8.94 -14.17 -13.85
N TYR A 159 8.23 -13.10 -13.50
CA TYR A 159 7.02 -12.67 -14.20
C TYR A 159 6.97 -11.15 -14.20
N VAL A 160 6.31 -10.59 -15.21
CA VAL A 160 5.83 -9.22 -15.17
C VAL A 160 4.31 -9.27 -15.14
N LYS A 161 3.71 -8.30 -14.44
CA LYS A 161 2.28 -8.27 -14.14
C LYS A 161 1.77 -6.86 -14.45
N THR A 162 0.55 -6.75 -15.00
CA THR A 162 0.11 -5.47 -15.53
C THR A 162 -0.20 -4.46 -14.41
N SER A 163 -1.01 -4.86 -13.43
CA SER A 163 -1.73 -3.87 -12.64
C SER A 163 -1.98 -4.37 -11.22
N THR A 164 -2.09 -3.42 -10.28
CA THR A 164 -2.42 -3.71 -8.90
C THR A 164 -3.91 -3.90 -8.67
N GLY A 165 -4.75 -3.29 -9.49
CA GLY A 165 -6.16 -3.23 -9.20
C GLY A 165 -6.53 -2.04 -8.34
N PHE A 166 -5.53 -1.24 -7.94
CA PHE A 166 -5.74 -0.09 -7.07
C PHE A 166 -5.33 1.22 -7.76
N SER A 167 -5.29 1.24 -9.08
CA SER A 167 -5.01 2.48 -9.81
C SER A 167 -6.05 2.65 -10.91
N GLY A 168 -5.76 3.52 -11.88
CA GLY A 168 -6.79 3.97 -12.80
C GLY A 168 -7.22 3.00 -13.88
N GLY A 169 -6.54 1.86 -14.01
CA GLY A 169 -6.87 0.92 -15.07
C GLY A 169 -6.24 -0.42 -14.84
N GLY A 170 -6.79 -1.43 -15.52
CA GLY A 170 -6.34 -2.80 -15.42
C GLY A 170 -5.69 -3.32 -16.69
N ALA A 171 -5.72 -4.64 -16.86
CA ALA A 171 -5.06 -5.26 -18.00
C ALA A 171 -5.76 -4.86 -19.30
N THR A 172 -4.96 -4.63 -20.34
CA THR A 172 -5.49 -4.56 -21.68
C THR A 172 -4.76 -5.59 -22.54
N VAL A 173 -5.42 -6.04 -23.62
CA VAL A 173 -4.75 -6.99 -24.50
C VAL A 173 -3.54 -6.35 -25.17
N GLU A 174 -3.60 -5.04 -25.43
CA GLU A 174 -2.46 -4.34 -26.04
C GLU A 174 -1.25 -4.32 -25.11
N ASP A 175 -1.48 -4.03 -23.82
CA ASP A 175 -0.37 -4.03 -22.87
C ASP A 175 0.19 -5.44 -22.69
N VAL A 176 -0.69 -6.42 -22.51
CA VAL A 176 -0.25 -7.80 -22.39
C VAL A 176 0.67 -8.18 -23.54
N ALA A 177 0.22 -7.92 -24.77
CA ALA A 177 1.03 -8.28 -25.94
C ALA A 177 2.36 -7.54 -25.93
N LEU A 178 2.35 -6.26 -25.56
CA LEU A 178 3.60 -5.50 -25.53
C LEU A 178 4.59 -6.06 -24.51
N MET A 179 4.09 -6.39 -23.32
CA MET A 179 4.96 -6.97 -22.32
C MET A 179 5.47 -8.34 -22.73
N ARG A 180 4.62 -9.13 -23.41
CA ARG A 180 5.06 -10.45 -23.87
C ARG A 180 6.18 -10.31 -24.90
N LYS A 181 5.98 -9.43 -25.89
CA LYS A 181 7.00 -9.18 -26.89
CA LYS A 181 7.00 -9.19 -26.89
C LYS A 181 8.30 -8.71 -26.25
N THR A 182 8.21 -7.97 -25.14
CA THR A 182 9.43 -7.46 -24.49
C THR A 182 10.19 -8.56 -23.75
N VAL A 183 9.49 -9.39 -22.98
CA VAL A 183 10.19 -10.36 -22.17
C VAL A 183 10.50 -11.65 -22.93
N GLY A 184 9.81 -11.92 -24.04
CA GLY A 184 10.02 -13.15 -24.79
C GLY A 184 9.69 -14.36 -23.95
N ASP A 185 10.59 -15.36 -23.98
CA ASP A 185 10.43 -16.56 -23.16
C ASP A 185 11.24 -16.48 -21.87
N ARG A 186 11.70 -15.29 -21.50
CA ARG A 186 12.53 -15.12 -20.31
C ARG A 186 11.72 -14.90 -19.04
N ALA A 187 10.43 -14.62 -19.16
CA ALA A 187 9.60 -14.38 -17.99
C ALA A 187 8.14 -14.58 -18.36
N GLY A 188 7.32 -14.90 -17.35
CA GLY A 188 5.90 -14.98 -17.60
C GLY A 188 5.24 -13.61 -17.63
N VAL A 189 3.97 -13.59 -18.04
CA VAL A 189 3.16 -12.37 -18.07
C VAL A 189 1.87 -12.66 -17.35
N LYS A 190 1.56 -11.89 -16.30
CA LYS A 190 0.31 -12.05 -15.55
C LYS A 190 -0.60 -10.87 -15.88
N ALA A 191 -1.80 -11.17 -16.36
CA ALA A 191 -2.81 -10.16 -16.64
C ALA A 191 -3.68 -10.00 -15.39
N SER A 192 -3.80 -8.76 -14.92
CA SER A 192 -4.53 -8.48 -13.69
C SER A 192 -5.25 -7.15 -13.81
N GLY A 193 -6.37 -7.05 -13.08
CA GLY A 193 -7.20 -5.86 -13.13
C GLY A 193 -8.21 -5.88 -14.24
N GLY A 194 -9.50 -6.00 -13.91
CA GLY A 194 -10.54 -6.00 -14.91
C GLY A 194 -10.77 -7.31 -15.63
N VAL A 195 -10.14 -8.39 -15.19
CA VAL A 195 -10.34 -9.70 -15.78
C VAL A 195 -11.41 -10.39 -14.94
N ARG A 196 -12.66 -10.19 -15.32
CA ARG A 196 -13.79 -10.61 -14.49
C ARG A 196 -14.64 -11.70 -15.13
N ASP A 197 -14.27 -12.19 -16.31
CA ASP A 197 -15.10 -13.17 -17.02
C ASP A 197 -14.22 -13.99 -17.95
N TRP A 198 -14.76 -15.14 -18.42
CA TRP A 198 -13.94 -16.05 -19.20
C TRP A 198 -13.55 -15.47 -20.55
N LYS A 199 -14.38 -14.60 -21.13
CA LYS A 199 -14.03 -14.02 -22.43
C LYS A 199 -12.83 -13.11 -22.32
N THR A 200 -12.80 -12.28 -21.29
CA THR A 200 -11.64 -11.42 -21.05
C THR A 200 -10.41 -12.23 -20.73
N ALA A 201 -10.56 -13.26 -19.89
CA ALA A 201 -9.42 -14.10 -19.57
C ALA A 201 -8.84 -14.74 -20.83
N GLU A 202 -9.71 -15.25 -21.70
N GLU A 202 -9.71 -15.25 -21.70
CA GLU A 202 -9.24 -15.88 -22.93
CA GLU A 202 -9.22 -15.87 -22.93
C GLU A 202 -8.56 -14.85 -23.84
C GLU A 202 -8.56 -14.84 -23.83
N ALA A 203 -9.12 -13.64 -23.92
CA ALA A 203 -8.49 -12.59 -24.71
C ALA A 203 -7.08 -12.27 -24.17
N MET A 204 -6.93 -12.27 -22.85
CA MET A 204 -5.61 -11.96 -22.30
C MET A 204 -4.65 -13.12 -22.53
N ILE A 205 -5.12 -14.36 -22.39
CA ILE A 205 -4.27 -15.50 -22.65
C ILE A 205 -3.81 -15.49 -24.11
N ASN A 206 -4.70 -15.10 -25.01
CA ASN A 206 -4.38 -15.03 -26.43
C ASN A 206 -3.37 -13.94 -26.72
N ALA A 207 -3.47 -12.81 -26.00
CA ALA A 207 -2.48 -11.77 -26.18
C ALA A 207 -1.12 -12.12 -25.58
N GLY A 208 -1.01 -13.20 -24.80
CA GLY A 208 0.26 -13.60 -24.23
C GLY A 208 0.35 -13.84 -22.74
N ALA A 209 -0.75 -13.74 -21.98
CA ALA A 209 -0.68 -13.97 -20.55
C ALA A 209 -0.59 -15.46 -20.22
N THR A 210 0.22 -15.77 -19.21
CA THR A 210 0.31 -17.12 -18.67
C THR A 210 -0.19 -17.24 -17.24
N ARG A 211 -0.64 -16.14 -16.63
CA ARG A 211 -1.29 -16.17 -15.33
C ARG A 211 -2.32 -15.06 -15.34
N ILE A 212 -3.42 -15.28 -14.61
CA ILE A 212 -4.51 -14.30 -14.53
C ILE A 212 -4.69 -13.99 -13.05
N GLY A 213 -4.58 -12.72 -12.67
CA GLY A 213 -4.89 -12.30 -11.33
C GLY A 213 -6.31 -11.79 -11.29
N THR A 214 -7.15 -12.41 -10.45
CA THR A 214 -8.55 -12.02 -10.50
C THR A 214 -9.25 -12.42 -9.23
N SER A 215 -10.37 -11.74 -8.95
CA SER A 215 -11.33 -12.20 -7.95
C SER A 215 -12.47 -13.00 -8.55
N SER A 216 -12.55 -13.13 -9.86
CA SER A 216 -13.67 -13.81 -10.51
C SER A 216 -13.28 -15.19 -11.05
N GLY A 217 -12.32 -15.85 -10.43
CA GLY A 217 -11.82 -17.09 -10.99
C GLY A 217 -12.87 -18.18 -11.09
N VAL A 218 -13.79 -18.24 -10.12
CA VAL A 218 -14.84 -19.25 -10.21
C VAL A 218 -15.68 -19.00 -11.47
N ALA A 219 -16.06 -17.75 -11.71
CA ALA A 219 -16.87 -17.46 -12.90
C ALA A 219 -16.09 -17.73 -14.17
N ILE A 220 -14.77 -17.54 -14.14
CA ILE A 220 -13.95 -17.80 -15.31
C ILE A 220 -13.89 -19.29 -15.61
N VAL A 221 -13.62 -20.13 -14.59
CA VAL A 221 -13.35 -21.53 -14.88
C VAL A 221 -14.61 -22.28 -15.24
N THR A 222 -15.76 -21.87 -14.72
CA THR A 222 -17.01 -22.51 -15.09
C THR A 222 -17.56 -21.97 -16.41
N GLY A 223 -16.81 -21.13 -17.11
CA GLY A 223 -17.28 -20.54 -18.36
C GLY A 223 -18.59 -19.80 -18.23
N GLY A 224 -18.91 -19.28 -17.04
CA GLY A 224 -20.16 -18.61 -16.81
C GLY A 224 -21.34 -19.51 -16.45
N THR A 225 -21.17 -20.82 -16.50
CA THR A 225 -22.28 -21.73 -16.20
C THR A 225 -22.24 -22.24 -14.77
N GLY A 226 -21.53 -21.53 -13.88
CA GLY A 226 -21.42 -21.94 -12.50
C GLY A 226 -22.50 -21.32 -11.62
N ARG A 227 -22.34 -21.53 -10.31
CA ARG A 227 -23.19 -20.87 -9.33
C ARG A 227 -22.58 -19.52 -8.93
N ALA A 228 -23.45 -18.62 -8.46
CA ALA A 228 -23.05 -17.27 -8.07
C ALA A 228 -22.30 -16.54 -9.18
N ASP A 229 -22.57 -16.88 -10.44
CA ASP A 229 -22.03 -16.11 -11.57
C ASP A 229 -22.99 -14.95 -11.85
N TYR A 230 -22.83 -13.89 -11.06
N TYR A 230 -22.78 -13.88 -11.09
CA TYR A 230 -23.63 -12.70 -11.25
CA TYR A 230 -23.66 -12.73 -11.19
C TYR A 230 -22.77 -11.50 -10.91
C TYR A 230 -22.84 -11.46 -11.34
N ASN B 11 -0.95 29.09 15.68
CA ASN B 11 -0.11 28.96 14.49
C ASN B 11 -0.58 27.74 13.68
N ILE B 12 -1.39 27.99 12.66
CA ILE B 12 -1.95 26.89 11.88
C ILE B 12 -0.86 26.18 11.08
N ALA B 13 0.16 26.92 10.63
CA ALA B 13 1.24 26.30 9.87
C ALA B 13 1.86 25.13 10.64
N LYS B 14 2.10 25.31 11.93
CA LYS B 14 2.74 24.24 12.70
C LYS B 14 1.78 23.11 13.07
N MET B 15 0.54 23.12 12.57
CA MET B 15 -0.37 21.98 12.65
C MET B 15 -0.51 21.21 11.34
N ILE B 16 0.18 21.64 10.30
CA ILE B 16 -0.01 21.07 8.98
C ILE B 16 1.10 20.08 8.67
N ASP B 17 0.71 18.86 8.30
CA ASP B 17 1.60 17.89 7.68
C ASP B 17 1.35 17.98 6.17
N HIS B 18 2.32 18.53 5.46
CA HIS B 18 2.22 18.85 4.04
C HIS B 18 2.64 17.63 3.23
N THR B 19 1.71 17.08 2.45
CA THR B 19 1.72 15.67 2.12
C THR B 19 1.72 15.43 0.61
N LEU B 20 2.54 14.47 0.18
CA LEU B 20 2.52 14.00 -1.21
C LEU B 20 2.83 12.51 -1.19
N LEU B 21 1.85 11.72 -1.61
CA LEU B 21 1.92 10.27 -1.50
C LEU B 21 1.48 9.56 -2.76
N LYS B 22 1.22 10.27 -3.85
CA LYS B 22 0.82 9.60 -5.09
CA LYS B 22 0.82 9.60 -5.09
C LYS B 22 1.95 8.69 -5.56
N PRO B 23 1.62 7.48 -6.05
CA PRO B 23 2.68 6.53 -6.40
C PRO B 23 3.60 7.00 -7.51
N GLU B 24 3.14 7.90 -8.38
CA GLU B 24 3.97 8.36 -9.49
C GLU B 24 4.80 9.59 -9.14
N ALA B 25 4.78 10.01 -7.89
CA ALA B 25 5.52 11.21 -7.48
C ALA B 25 7.02 11.07 -7.76
N THR B 26 7.63 12.15 -8.22
CA THR B 26 9.01 12.15 -8.66
C THR B 26 9.87 12.97 -7.72
N GLU B 27 11.19 12.81 -7.88
CA GLU B 27 12.09 13.52 -6.98
C GLU B 27 11.86 15.02 -7.03
N GLN B 28 11.68 15.58 -8.23
CA GLN B 28 11.44 17.01 -8.34
C GLN B 28 10.21 17.43 -7.54
N GLN B 29 9.17 16.58 -7.54
CA GLN B 29 7.96 16.94 -6.81
C GLN B 29 8.20 16.90 -5.30
N ILE B 30 9.05 15.98 -4.85
CA ILE B 30 9.35 15.91 -3.42
C ILE B 30 10.19 17.11 -2.98
N VAL B 31 11.19 17.48 -3.79
CA VAL B 31 12.01 18.65 -3.48
C VAL B 31 11.12 19.89 -3.43
N GLN B 32 10.18 20.01 -4.36
CA GLN B 32 9.25 21.14 -4.35
C GLN B 32 8.43 21.17 -3.07
N LEU B 33 7.89 20.02 -2.68
CA LEU B 33 7.11 19.92 -1.44
C LEU B 33 7.92 20.42 -0.25
N CYS B 34 9.18 19.99 -0.16
CA CYS B 34 10.02 20.42 0.95
C CYS B 34 10.27 21.90 0.91
N THR B 35 10.51 22.43 -0.30
CA THR B 35 10.73 23.86 -0.44
C THR B 35 9.53 24.64 0.08
N GLU B 36 8.32 24.18 -0.25
CA GLU B 36 7.13 24.83 0.25
C GLU B 36 7.04 24.75 1.78
N ALA B 37 7.33 23.58 2.34
CA ALA B 37 7.19 23.42 3.78
C ALA B 37 8.16 24.32 4.54
N LYS B 38 9.39 24.46 4.03
CA LYS B 38 10.35 25.38 4.63
C LYS B 38 9.86 26.81 4.53
N GLN B 39 9.28 27.17 3.38
CA GLN B 39 8.80 28.53 3.21
C GLN B 39 7.76 28.89 4.25
N TYR B 40 6.78 28.02 4.47
CA TYR B 40 5.67 28.32 5.36
C TYR B 40 5.82 27.77 6.76
N GLY B 41 6.88 27.01 7.03
CA GLY B 41 7.09 26.51 8.36
C GLY B 41 6.02 25.54 8.81
N PHE B 42 5.73 24.55 7.98
CA PHE B 42 4.78 23.53 8.36
C PHE B 42 5.39 22.62 9.43
N ALA B 43 4.53 21.89 10.14
CA ALA B 43 5.03 20.95 11.15
C ALA B 43 5.91 19.88 10.53
N ALA B 44 5.53 19.38 9.34
CA ALA B 44 6.17 18.24 8.72
C ALA B 44 5.83 18.23 7.24
N VAL B 45 6.65 17.52 6.46
CA VAL B 45 6.20 16.96 5.20
C VAL B 45 5.88 15.50 5.47
N CYS B 46 4.93 14.95 4.72
CA CYS B 46 4.62 13.53 4.80
C CYS B 46 4.82 12.93 3.42
N VAL B 47 5.77 12.00 3.30
CA VAL B 47 6.10 11.39 2.02
C VAL B 47 6.23 9.88 2.21
N ASN B 48 6.24 9.14 1.10
CA ASN B 48 6.42 7.70 1.18
C ASN B 48 7.85 7.37 1.57
N PRO B 49 8.08 6.16 2.12
CA PRO B 49 9.42 5.88 2.67
C PRO B 49 10.55 6.04 1.69
N THR B 50 10.32 5.78 0.40
CA THR B 50 11.38 5.87 -0.59
C THR B 50 11.96 7.26 -0.68
N TRP B 51 11.22 8.28 -0.25
CA TRP B 51 11.65 9.66 -0.34
C TRP B 51 12.18 10.23 0.96
N VAL B 52 12.24 9.42 2.03
CA VAL B 52 12.62 9.97 3.33
C VAL B 52 14.00 10.61 3.27
N LYS B 53 14.97 9.89 2.72
CA LYS B 53 16.33 10.43 2.67
C LYS B 53 16.33 11.75 1.93
N THR B 54 15.66 11.79 0.78
CA THR B 54 15.59 13.03 0.01
C THR B 54 15.00 14.15 0.86
N ALA B 55 13.88 13.87 1.52
CA ALA B 55 13.23 14.90 2.30
C ALA B 55 14.13 15.33 3.45
N ALA B 56 14.82 14.37 4.06
CA ALA B 56 15.66 14.72 5.20
C ALA B 56 16.83 15.58 4.76
N ARG B 57 17.33 15.35 3.54
CA ARG B 57 18.38 16.21 3.03
C ARG B 57 17.86 17.63 2.82
N GLU B 58 16.62 17.76 2.33
CA GLU B 58 16.13 19.09 1.95
C GLU B 58 15.72 19.90 3.17
N LEU B 59 15.26 19.23 4.22
CA LEU B 59 14.73 19.88 5.40
C LEU B 59 15.73 20.00 6.55
N SER B 60 16.92 19.39 6.42
CA SER B 60 17.79 19.33 7.59
C SER B 60 18.25 20.73 7.96
N GLY B 61 18.21 21.01 9.26
CA GLY B 61 18.51 22.33 9.75
C GLY B 61 17.31 23.20 9.98
N THR B 62 16.13 22.75 9.58
CA THR B 62 14.89 23.46 9.85
C THR B 62 14.10 22.71 10.91
N ASP B 63 13.07 23.36 11.44
CA ASP B 63 12.15 22.74 12.36
C ASP B 63 10.97 22.07 11.64
N VAL B 64 11.10 21.81 10.35
CA VAL B 64 10.11 21.02 9.62
C VAL B 64 10.56 19.57 9.69
N ARG B 65 9.73 18.71 10.29
CA ARG B 65 10.06 17.30 10.49
C ARG B 65 9.80 16.48 9.23
N VAL B 66 10.51 15.38 9.07
CA VAL B 66 10.21 14.41 8.02
C VAL B 66 9.28 13.35 8.58
N CYS B 67 8.10 13.22 8.00
CA CYS B 67 7.13 12.22 8.39
C CYS B 67 6.97 11.26 7.23
N THR B 68 6.82 9.96 7.52
CA THR B 68 6.53 8.99 6.47
C THR B 68 5.39 8.10 6.95
N VAL B 69 5.00 7.16 6.10
CA VAL B 69 3.83 6.32 6.30
C VAL B 69 4.27 4.88 6.35
N ILE B 70 3.63 4.09 7.20
CA ILE B 70 4.08 2.75 7.52
C ILE B 70 2.96 1.76 7.19
N GLY B 71 3.32 0.68 6.50
CA GLY B 71 2.30 -0.30 6.09
C GLY B 71 1.15 0.33 5.33
N PHE B 72 1.45 1.31 4.45
CA PHE B 72 0.50 2.24 3.87
C PHE B 72 0.29 1.93 2.39
N PRO B 73 -0.96 2.02 1.89
CA PRO B 73 -2.15 2.49 2.61
C PRO B 73 -3.04 1.40 3.20
N LEU B 74 -2.71 0.12 3.01
CA LEU B 74 -3.69 -0.91 3.31
C LEU B 74 -3.58 -1.48 4.72
N GLY B 75 -2.43 -1.31 5.39
CA GLY B 75 -2.28 -1.80 6.75
C GLY B 75 -2.27 -3.30 6.91
N ALA B 76 -2.12 -4.03 5.82
CA ALA B 76 -2.35 -5.47 5.76
C ALA B 76 -1.05 -6.24 5.65
N THR B 77 0.05 -5.67 6.09
CA THR B 77 1.28 -6.45 6.22
C THR B 77 1.48 -6.84 7.68
N THR B 78 2.61 -7.50 7.94
CA THR B 78 2.74 -8.08 9.27
C THR B 78 3.35 -7.11 10.25
N PRO B 79 3.19 -7.34 11.55
CA PRO B 79 3.77 -6.39 12.52
C PRO B 79 5.27 -6.30 12.39
N GLU B 80 5.94 -7.43 12.11
CA GLU B 80 7.39 -7.45 11.94
C GLU B 80 7.83 -6.58 10.77
N THR B 81 7.08 -6.62 9.67
CA THR B 81 7.39 -5.76 8.54
C THR B 81 7.14 -4.30 8.87
N LYS B 82 6.02 -4.00 9.55
CA LYS B 82 5.78 -2.62 9.94
C LYS B 82 6.90 -2.11 10.84
N ALA B 83 7.39 -2.96 11.75
CA ALA B 83 8.46 -2.53 12.64
C ALA B 83 9.77 -2.31 11.89
N PHE B 84 10.11 -3.21 10.96
CA PHE B 84 11.31 -3.02 10.16
C PHE B 84 11.20 -1.75 9.34
N GLU B 85 10.04 -1.50 8.72
CA GLU B 85 9.89 -0.33 7.90
C GLU B 85 10.03 0.93 8.73
N THR B 86 9.62 0.87 10.00
CA THR B 86 9.74 2.03 10.88
C THR B 86 11.20 2.28 11.24
N THR B 87 11.90 1.22 11.65
CA THR B 87 13.33 1.34 11.94
C THR B 87 14.10 1.83 10.71
N ASN B 88 13.79 1.27 9.54
CA ASN B 88 14.43 1.68 8.31
C ASN B 88 14.16 3.15 8.01
N ALA B 89 12.91 3.59 8.20
CA ALA B 89 12.59 4.99 7.91
C ALA B 89 13.33 5.93 8.84
N ILE B 90 13.44 5.56 10.12
CA ILE B 90 14.16 6.42 11.06
C ILE B 90 15.64 6.48 10.71
N GLU B 91 16.19 5.35 10.29
CA GLU B 91 17.56 5.32 9.78
C GLU B 91 17.74 6.20 8.57
N ASN B 92 16.72 6.33 7.74
CA ASN B 92 16.81 7.19 6.57
C ASN B 92 16.52 8.64 6.87
N GLY B 93 16.10 8.98 8.08
CA GLY B 93 15.89 10.37 8.47
C GLY B 93 14.49 10.69 8.97
N ALA B 94 13.55 9.75 9.04
CA ALA B 94 12.22 10.12 9.47
C ALA B 94 12.18 10.30 10.98
N ARG B 95 11.36 11.24 11.41
CA ARG B 95 11.18 11.55 12.81
C ARG B 95 9.72 11.55 13.24
N GLU B 96 8.77 11.31 12.32
CA GLU B 96 7.41 10.90 12.63
C GLU B 96 7.03 9.80 11.67
N VAL B 97 6.17 8.88 12.11
CA VAL B 97 5.64 7.83 11.25
C VAL B 97 4.13 7.74 11.45
N ASP B 98 3.39 7.64 10.34
CA ASP B 98 1.93 7.46 10.34
C ASP B 98 1.66 6.04 9.84
N MET B 99 1.37 5.12 10.76
N MET B 99 1.32 5.13 10.75
CA MET B 99 1.10 3.75 10.38
CA MET B 99 1.12 3.73 10.39
C MET B 99 -0.38 3.54 10.11
C MET B 99 -0.36 3.40 10.24
N VAL B 100 -0.68 2.58 9.24
CA VAL B 100 -2.05 2.14 9.02
C VAL B 100 -2.31 0.94 9.93
N ILE B 101 -3.41 1.02 10.68
CA ILE B 101 -3.83 -0.08 11.52
C ILE B 101 -4.13 -1.33 10.66
N ASN B 102 -4.07 -2.49 11.31
CA ASN B 102 -4.46 -3.71 10.60
C ASN B 102 -5.98 -3.75 10.60
N ILE B 103 -6.56 -3.12 9.55
CA ILE B 103 -8.01 -2.95 9.46
C ILE B 103 -8.71 -4.30 9.46
N GLY B 104 -8.23 -5.23 8.65
CA GLY B 104 -8.92 -6.51 8.52
C GLY B 104 -8.89 -7.32 9.79
N ALA B 105 -7.77 -7.28 10.52
CA ALA B 105 -7.75 -7.94 11.82
C ALA B 105 -8.75 -7.30 12.79
N LEU B 106 -8.88 -5.97 12.77
CA LEU B 106 -9.90 -5.31 13.59
C LEU B 106 -11.30 -5.79 13.20
N LYS B 107 -11.60 -5.77 11.90
CA LYS B 107 -12.90 -6.21 11.41
C LYS B 107 -13.16 -7.67 11.74
N SER B 108 -12.11 -8.48 11.89
CA SER B 108 -12.22 -9.88 12.29
C SER B 108 -12.28 -10.05 13.80
N GLY B 109 -12.22 -8.95 14.55
CA GLY B 109 -12.22 -9.03 15.99
C GLY B 109 -10.92 -9.48 16.64
N GLN B 110 -9.81 -9.52 15.89
CA GLN B 110 -8.52 -9.93 16.44
C GLN B 110 -7.84 -8.72 17.08
N ASP B 111 -8.40 -8.29 18.22
CA ASP B 111 -7.93 -7.07 18.88
C ASP B 111 -6.51 -7.23 19.45
N GLU B 112 -6.14 -8.43 19.90
CA GLU B 112 -4.78 -8.63 20.40
C GLU B 112 -3.76 -8.40 19.28
N LEU B 113 -4.11 -8.80 18.06
CA LEU B 113 -3.21 -8.57 16.93
C LEU B 113 -3.16 -7.10 16.54
N VAL B 114 -4.31 -6.42 16.56
CA VAL B 114 -4.31 -4.99 16.27
C VAL B 114 -3.39 -4.25 17.23
N GLU B 115 -3.47 -4.60 18.53
CA GLU B 115 -2.64 -3.94 19.54
C GLU B 115 -1.18 -4.30 19.36
N ARG B 116 -0.87 -5.59 19.18
CA ARG B 116 0.52 -5.99 18.99
CA ARG B 116 0.51 -6.02 18.97
C ARG B 116 1.13 -5.35 17.75
N ASP B 117 0.32 -5.17 16.70
CA ASP B 117 0.78 -4.52 15.47
C ASP B 117 1.14 -3.07 15.74
N ILE B 118 0.27 -2.33 16.44
CA ILE B 118 0.63 -0.95 16.79
C ILE B 118 1.85 -0.94 17.70
N ARG B 119 1.92 -1.90 18.62
CA ARG B 119 3.00 -1.91 19.58
C ARG B 119 4.33 -2.13 18.90
N ALA B 120 4.38 -2.99 17.88
CA ALA B 120 5.65 -3.25 17.20
C ALA B 120 6.21 -1.98 16.61
N VAL B 121 5.32 -1.12 16.10
CA VAL B 121 5.77 0.14 15.51
C VAL B 121 6.20 1.12 16.61
N VAL B 122 5.43 1.21 17.68
CA VAL B 122 5.81 2.04 18.82
C VAL B 122 7.19 1.62 19.34
N GLU B 123 7.40 0.32 19.51
CA GLU B 123 8.65 -0.14 20.08
C GLU B 123 9.80 0.00 19.10
N ALA B 124 9.54 -0.12 17.80
CA ALA B 124 10.61 0.10 16.84
C ALA B 124 11.04 1.56 16.83
N ALA B 125 10.08 2.48 17.02
CA ALA B 125 10.41 3.90 17.04
C ALA B 125 11.18 4.26 18.31
N ALA B 126 10.81 3.66 19.44
CA ALA B 126 11.48 3.83 20.74
C ALA B 126 11.99 5.26 20.95
N GLY B 127 11.04 6.18 21.03
CA GLY B 127 11.34 7.57 21.30
C GLY B 127 11.97 8.34 20.15
N ARG B 128 12.48 7.67 19.12
CA ARG B 128 13.13 8.40 18.02
C ARG B 128 12.14 9.02 17.06
N ALA B 129 10.88 8.59 17.07
CA ALA B 129 9.92 9.12 16.13
C ALA B 129 8.54 9.10 16.77
N LEU B 130 7.74 10.14 16.47
CA LEU B 130 6.35 10.18 16.85
C LEU B 130 5.56 9.17 16.04
N VAL B 131 4.56 8.55 16.66
CA VAL B 131 3.78 7.50 16.02
C VAL B 131 2.32 7.93 15.95
N LYS B 132 1.80 8.02 14.72
CA LYS B 132 0.39 8.27 14.49
C LYS B 132 -0.21 6.99 13.97
N VAL B 133 -1.45 6.70 14.38
CA VAL B 133 -2.13 5.47 13.98
C VAL B 133 -3.32 5.86 13.12
N ILE B 134 -3.27 5.53 11.84
CA ILE B 134 -4.41 5.76 10.94
C ILE B 134 -5.42 4.65 11.17
N VAL B 135 -6.62 5.00 11.63
CA VAL B 135 -7.65 4.00 11.84
C VAL B 135 -8.49 3.74 10.58
N GLU B 136 -8.45 4.66 9.60
CA GLU B 136 -9.20 4.57 8.34
C GLU B 136 -10.71 4.54 8.62
N THR B 137 -11.19 5.69 9.08
CA THR B 137 -12.58 5.80 9.55
C THR B 137 -13.59 5.38 8.50
N ALA B 138 -13.27 5.58 7.22
CA ALA B 138 -14.23 5.28 6.14
C ALA B 138 -14.66 3.81 6.15
N LEU B 139 -13.82 2.90 6.62
CA LEU B 139 -14.08 1.47 6.58
C LEU B 139 -14.60 0.90 7.89
N LEU B 140 -14.78 1.73 8.91
CA LEU B 140 -15.03 1.25 10.26
C LEU B 140 -16.41 1.66 10.73
N THR B 141 -16.98 0.85 11.62
CA THR B 141 -18.12 1.32 12.39
C THR B 141 -17.65 2.28 13.47
N ASP B 142 -18.60 3.02 14.06
CA ASP B 142 -18.28 3.89 15.19
C ASP B 142 -17.68 3.10 16.35
N GLU B 143 -18.25 1.93 16.66
CA GLU B 143 -17.67 1.08 17.68
C GLU B 143 -16.23 0.71 17.32
N GLU B 144 -15.97 0.46 16.04
CA GLU B 144 -14.63 0.12 15.62
C GLU B 144 -13.69 1.32 15.71
N LYS B 145 -14.17 2.51 15.36
CA LYS B 145 -13.38 3.74 15.53
C LYS B 145 -12.93 3.88 16.97
N VAL B 146 -13.88 3.77 17.90
CA VAL B 146 -13.55 3.91 19.32
C VAL B 146 -12.56 2.84 19.75
N ARG B 147 -12.83 1.59 19.39
CA ARG B 147 -11.95 0.49 19.78
C ARG B 147 -10.55 0.70 19.23
N ALA B 148 -10.45 1.12 17.98
CA ALA B 148 -9.14 1.36 17.36
C ALA B 148 -8.38 2.45 18.10
N CYS B 149 -9.05 3.53 18.49
CA CYS B 149 -8.33 4.59 19.21
C CYS B 149 -7.88 4.10 20.58
N GLN B 150 -8.74 3.34 21.27
CA GLN B 150 -8.37 2.81 22.57
C GLN B 150 -7.16 1.89 22.47
N LEU B 151 -7.14 1.04 21.44
CA LEU B 151 -5.98 0.19 21.23
C LEU B 151 -4.75 1.02 20.88
N ALA B 152 -4.92 2.07 20.09
CA ALA B 152 -3.75 2.88 19.76
C ALA B 152 -3.15 3.50 21.01
N VAL B 153 -4.00 4.00 21.92
CA VAL B 153 -3.49 4.59 23.15
C VAL B 153 -2.89 3.50 24.04
N LYS B 154 -3.54 2.34 24.12
CA LYS B 154 -3.03 1.25 24.97
C LYS B 154 -1.65 0.79 24.52
N ALA B 155 -1.41 0.77 23.21
CA ALA B 155 -0.12 0.35 22.66
C ALA B 155 0.96 1.42 22.74
N GLY B 156 0.61 2.63 23.16
CA GLY B 156 1.60 3.68 23.32
C GLY B 156 1.76 4.64 22.17
N ALA B 157 0.75 4.78 21.31
CA ALA B 157 0.93 5.67 20.19
C ALA B 157 0.73 7.12 20.61
N ASP B 158 1.22 8.03 19.78
CA ASP B 158 1.18 9.45 20.09
C ASP B 158 -0.01 10.16 19.47
N TYR B 159 -0.48 9.69 18.32
CA TYR B 159 -1.61 10.28 17.61
C TYR B 159 -2.52 9.18 17.10
N VAL B 160 -3.77 9.55 16.85
CA VAL B 160 -4.62 8.78 15.96
C VAL B 160 -4.96 9.67 14.79
N LYS B 161 -5.13 9.06 13.63
CA LYS B 161 -5.33 9.78 12.37
C LYS B 161 -6.57 9.21 11.66
N THR B 162 -7.36 10.09 11.00
CA THR B 162 -8.62 9.62 10.45
C THR B 162 -8.42 8.65 9.27
N SER B 163 -7.61 9.02 8.29
CA SER B 163 -7.75 8.42 6.96
C SER B 163 -6.44 8.41 6.20
N THR B 164 -6.32 7.45 5.28
CA THR B 164 -5.19 7.41 4.37
C THR B 164 -5.37 8.31 3.17
N GLY B 165 -6.61 8.62 2.82
CA GLY B 165 -6.86 9.28 1.56
C GLY B 165 -6.91 8.34 0.37
N PHE B 166 -6.74 7.04 0.59
CA PHE B 166 -6.73 6.08 -0.51
C PHE B 166 -7.86 5.06 -0.49
N SER B 167 -8.68 5.00 0.56
CA SER B 167 -9.66 3.92 0.65
C SER B 167 -11.05 4.43 1.04
N GLY B 168 -11.53 5.50 0.42
CA GLY B 168 -12.97 5.69 0.28
C GLY B 168 -13.62 6.81 1.07
N GLY B 169 -12.91 7.51 1.92
CA GLY B 169 -13.53 8.57 2.71
C GLY B 169 -12.49 9.19 3.61
N GLY B 170 -12.80 10.40 4.06
CA GLY B 170 -11.82 11.19 4.78
C GLY B 170 -12.30 11.73 6.10
N ALA B 171 -11.69 12.82 6.57
CA ALA B 171 -12.02 13.34 7.88
C ALA B 171 -13.42 13.93 7.89
N THR B 172 -14.15 13.68 8.97
CA THR B 172 -15.41 14.35 9.22
C THR B 172 -15.33 14.95 10.62
N VAL B 173 -16.08 16.03 10.84
CA VAL B 173 -16.09 16.64 12.16
C VAL B 173 -16.61 15.65 13.19
N GLU B 174 -17.60 14.84 12.82
CA GLU B 174 -18.14 13.85 13.74
C GLU B 174 -17.07 12.83 14.12
N ASP B 175 -16.31 12.35 13.14
CA ASP B 175 -15.28 11.36 13.44
C ASP B 175 -14.16 11.97 14.28
N VAL B 176 -13.71 13.17 13.92
CA VAL B 176 -12.67 13.84 14.70
C VAL B 176 -13.12 14.03 16.14
N ALA B 177 -14.36 14.47 16.32
CA ALA B 177 -14.91 14.64 17.67
C ALA B 177 -14.97 13.33 18.42
N LEU B 178 -15.40 12.25 17.75
CA LEU B 178 -15.48 10.95 18.41
C LEU B 178 -14.09 10.45 18.81
N MET B 179 -13.10 10.62 17.93
CA MET B 179 -11.76 10.16 18.26
C MET B 179 -11.16 11.01 19.39
N ARG B 180 -11.41 12.32 19.39
CA ARG B 180 -10.93 13.17 20.48
C ARG B 180 -11.59 12.78 21.80
N LYS B 181 -12.90 12.56 21.78
CA LYS B 181 -13.59 12.08 22.98
C LYS B 181 -12.97 10.79 23.47
N THR B 182 -12.58 9.92 22.56
CA THR B 182 -12.09 8.61 22.95
C THR B 182 -10.67 8.68 23.53
N VAL B 183 -9.77 9.42 22.88
CA VAL B 183 -8.41 9.48 23.38
C VAL B 183 -8.22 10.59 24.40
N GLY B 184 -9.14 11.56 24.44
CA GLY B 184 -9.06 12.62 25.42
C GLY B 184 -7.77 13.39 25.27
N ASP B 185 -6.96 13.38 26.34
CA ASP B 185 -5.71 14.10 26.39
C ASP B 185 -4.50 13.19 26.27
N ARG B 186 -4.70 11.90 26.05
CA ARG B 186 -3.57 10.98 26.00
C ARG B 186 -2.95 10.85 24.62
N ALA B 187 -3.56 11.44 23.59
CA ALA B 187 -3.02 11.33 22.24
C ALA B 187 -3.57 12.47 21.39
N GLY B 188 -2.80 12.84 20.37
CA GLY B 188 -3.28 13.83 19.42
C GLY B 188 -4.25 13.23 18.42
N VAL B 189 -4.96 14.10 17.71
CA VAL B 189 -5.88 13.68 16.66
C VAL B 189 -5.51 14.43 15.39
N LYS B 190 -5.20 13.69 14.33
CA LYS B 190 -4.85 14.25 13.04
C LYS B 190 -6.02 14.02 12.09
N ALA B 191 -6.57 15.11 11.57
CA ALA B 191 -7.63 15.05 10.57
C ALA B 191 -6.98 15.03 9.20
N SER B 192 -7.26 13.99 8.41
CA SER B 192 -6.64 13.89 7.11
C SER B 192 -7.65 13.36 6.11
N GLY B 193 -7.43 13.71 4.84
CA GLY B 193 -8.30 13.29 3.77
C GLY B 193 -9.39 14.31 3.47
N GLY B 194 -9.31 14.95 2.31
CA GLY B 194 -10.33 15.91 1.92
C GLY B 194 -10.26 17.24 2.62
N VAL B 195 -9.19 17.49 3.37
CA VAL B 195 -8.98 18.77 4.04
C VAL B 195 -8.07 19.59 3.13
N ARG B 196 -8.67 20.37 2.24
CA ARG B 196 -7.86 21.14 1.30
C ARG B 196 -8.25 22.62 1.27
N ASP B 197 -9.00 23.10 2.25
CA ASP B 197 -9.23 24.54 2.37
C ASP B 197 -9.24 24.94 3.83
N TRP B 198 -9.05 26.24 4.06
CA TRP B 198 -8.92 26.73 5.43
C TRP B 198 -10.21 26.54 6.23
N LYS B 199 -11.38 26.72 5.61
CA LYS B 199 -12.62 26.56 6.38
C LYS B 199 -12.75 25.12 6.88
N THR B 200 -12.39 24.14 6.05
CA THR B 200 -12.46 22.75 6.47
C THR B 200 -11.46 22.47 7.58
N ALA B 201 -10.23 22.98 7.44
CA ALA B 201 -9.24 22.80 8.48
C ALA B 201 -9.74 23.38 9.81
N GLU B 202 -10.38 24.55 9.75
CA GLU B 202 -10.93 25.17 10.95
C GLU B 202 -11.99 24.27 11.59
N ALA B 203 -12.90 23.74 10.78
CA ALA B 203 -13.93 22.87 11.33
C ALA B 203 -13.31 21.63 11.97
N MET B 204 -12.23 21.11 11.38
CA MET B 204 -11.59 19.93 11.98
C MET B 204 -10.89 20.28 13.28
N ILE B 205 -10.21 21.43 13.32
CA ILE B 205 -9.56 21.85 14.55
C ILE B 205 -10.59 22.12 15.64
N ASN B 206 -11.68 22.78 15.27
CA ASN B 206 -12.79 23.01 16.19
C ASN B 206 -13.34 21.69 16.73
N ALA B 207 -13.37 20.65 15.89
CA ALA B 207 -13.88 19.35 16.33
C ALA B 207 -12.89 18.59 17.20
N GLY B 208 -11.63 19.01 17.27
CA GLY B 208 -10.68 18.42 18.19
C GLY B 208 -9.35 18.04 17.58
N ALA B 209 -9.14 18.34 16.30
CA ALA B 209 -7.91 17.92 15.66
C ALA B 209 -6.77 18.81 16.12
N THR B 210 -5.59 18.19 16.31
CA THR B 210 -4.38 18.93 16.61
C THR B 210 -3.33 18.87 15.50
N ARG B 211 -3.55 18.08 14.47
CA ARG B 211 -2.69 18.07 13.29
C ARG B 211 -3.58 17.86 12.08
N ILE B 212 -3.16 18.39 10.94
CA ILE B 212 -3.94 18.33 9.72
C ILE B 212 -3.08 17.66 8.66
N GLY B 213 -3.56 16.55 8.10
CA GLY B 213 -2.83 16.03 6.96
C GLY B 213 -3.45 16.56 5.68
N THR B 214 -2.64 17.17 4.80
CA THR B 214 -3.23 17.77 3.61
C THR B 214 -2.17 17.91 2.52
N SER B 215 -2.64 17.88 1.28
CA SER B 215 -1.78 18.22 0.14
C SER B 215 -1.79 19.70 -0.18
N SER B 216 -2.66 20.48 0.47
CA SER B 216 -2.92 21.87 0.14
C SER B 216 -2.59 22.80 1.30
N GLY B 217 -1.45 22.56 1.95
CA GLY B 217 -1.12 23.34 3.12
C GLY B 217 -0.94 24.81 2.80
N VAL B 218 -0.41 25.12 1.62
CA VAL B 218 -0.18 26.51 1.23
C VAL B 218 -1.50 27.24 1.14
N ALA B 219 -2.49 26.62 0.51
CA ALA B 219 -3.79 27.26 0.38
C ALA B 219 -4.46 27.44 1.72
N ILE B 220 -4.19 26.54 2.67
CA ILE B 220 -4.81 26.65 3.98
C ILE B 220 -4.19 27.79 4.77
N VAL B 221 -2.86 27.84 4.82
CA VAL B 221 -2.23 28.81 5.72
C VAL B 221 -2.34 30.22 5.18
N THR B 222 -2.35 30.39 3.86
CA THR B 222 -2.49 31.72 3.29
C THR B 222 -3.93 32.13 3.09
N GLY B 223 -4.88 31.25 3.38
CA GLY B 223 -6.28 31.57 3.18
C GLY B 223 -6.69 31.67 1.73
N GLY B 224 -5.71 31.70 0.82
CA GLY B 224 -5.98 31.78 -0.61
C GLY B 224 -5.01 32.60 -1.43
N THR B 225 -4.19 33.42 -0.77
CA THR B 225 -3.22 34.27 -1.48
C THR B 225 -1.93 33.54 -1.85
N GLY B 226 -1.88 32.22 -1.72
CA GLY B 226 -0.66 31.47 -1.99
C GLY B 226 -0.42 31.22 -3.46
N ARG B 227 0.81 30.79 -3.76
CA ARG B 227 1.24 30.60 -5.14
C ARG B 227 0.43 29.49 -5.82
N ALA B 228 0.00 29.77 -7.05
CA ALA B 228 -0.70 28.81 -7.91
C ALA B 228 -1.79 28.05 -7.15
N ASP B 229 -2.66 28.81 -6.49
CA ASP B 229 -3.81 28.21 -5.82
C ASP B 229 -4.90 27.99 -6.86
N TYR B 230 -4.83 26.85 -7.54
N TYR B 230 -4.83 26.85 -7.53
CA TYR B 230 -5.86 26.46 -8.49
CA TYR B 230 -5.77 26.55 -8.58
C TYR B 230 -6.02 24.95 -8.44
C TYR B 230 -6.37 25.17 -8.33
#